data_4GKR
#
_entry.id   4GKR
#
_cell.length_a   58.707
_cell.length_b   84.066
_cell.length_c   151.127
_cell.angle_alpha   90.000
_cell.angle_beta   90.000
_cell.angle_gamma   90.000
#
_symmetry.space_group_name_H-M   'P 21 21 21'
#
loop_
_entity.id
_entity.type
_entity.pdbx_description
1 polymer 'Neck and C-terminal motor domain of Kar3'
2 non-polymer 'MAGNESIUM ION'
3 non-polymer "ADENOSINE-5'-DIPHOSPHATE"
4 non-polymer 1,2-ETHANEDIOL
5 water water
#
_entity_poly.entity_id   1
_entity_poly.type   'polypeptide(L)'
_entity_poly.pdbx_seq_one_letter_code
;MAEEIKKILVKEESLRRALHNELQELRGNIRVYCRIRPPLPHEDDNIEHIKVQPFDDDNGDQGMTINRGNSQVIPFKFDK
IFDQQETNDEIFKEVGQLIQSSLDGYNVCIFAYGQTGSGKTYTMLNPGDGIVPATINHIFSWIDKLAARGWSYKVSCEFI
EIYNENIVDLLRSGAPSQENNDRNADSKHEIRHDQELKTTYITNITTCVLDSRDTVDKVLKRANKLRSTASTAANEHSSR
SHSIFIIHLEGKNEGTGEKSQGILNLVDLAGSERLNSSMVVGERLRETQSINKSLSCLGDVIHALNSPDGQKRHIPFRNS
KLTYLLQYSLIGSSKTLMFVNISPAALHLNETINSLRFASKVNNTKMITRN
;
_entity_poly.pdbx_strand_id   A,B
#
loop_
_chem_comp.id
_chem_comp.type
_chem_comp.name
_chem_comp.formula
ADP non-polymer ADENOSINE-5'-DIPHOSPHATE 'C10 H15 N5 O10 P2'
EDO non-polymer 1,2-ETHANEDIOL 'C2 H6 O2'
MG non-polymer 'MAGNESIUM ION' 'Mg 2'
#
# COMPACT_ATOMS: atom_id res chain seq x y z
N ASN A 29 -14.46 -6.95 18.51
CA ASN A 29 -15.36 -6.62 17.34
C ASN A 29 -14.97 -5.31 16.62
N ILE A 30 -14.71 -5.41 15.32
CA ILE A 30 -14.46 -4.22 14.50
C ILE A 30 -15.41 -4.16 13.29
N ARG A 31 -16.13 -3.05 13.16
CA ARG A 31 -17.09 -2.87 12.08
C ARG A 31 -16.71 -1.67 11.19
N VAL A 32 -17.03 -1.73 9.91
CA VAL A 32 -16.64 -0.66 9.00
C VAL A 32 -17.87 -0.18 8.20
N TYR A 33 -18.20 1.11 8.29
CA TYR A 33 -19.28 1.60 7.45
C TYR A 33 -18.72 2.52 6.43
N CYS A 34 -19.40 2.65 5.31
CA CYS A 34 -18.95 3.57 4.30
C CYS A 34 -20.02 4.62 4.14
N ARG A 35 -19.65 5.88 4.06
CA ARG A 35 -20.64 6.91 3.79
C ARG A 35 -20.29 7.78 2.60
N ILE A 36 -21.16 7.81 1.60
CA ILE A 36 -20.96 8.72 0.48
C ILE A 36 -21.67 10.03 0.79
N ARG A 37 -20.97 11.14 0.84
CA ARG A 37 -21.65 12.44 0.98
C ARG A 37 -22.32 12.89 -0.34
N PRO A 38 -23.36 13.74 -0.24
CA PRO A 38 -23.94 14.39 -1.44
C PRO A 38 -22.93 15.28 -2.15
N PRO A 39 -23.14 15.54 -3.45
CA PRO A 39 -22.25 16.47 -4.18
C PRO A 39 -22.37 17.92 -3.70
N LEU A 40 -21.28 18.67 -3.81
CA LEU A 40 -21.28 20.09 -3.45
C LEU A 40 -21.71 20.94 -4.67
N PRO A 41 -22.23 22.16 -4.44
CA PRO A 41 -22.64 23.05 -5.54
C PRO A 41 -21.55 23.43 -6.55
N HIS A 42 -20.31 23.57 -6.11
CA HIS A 42 -19.23 23.95 -7.01
C HIS A 42 -18.60 22.77 -7.73
N GLU A 43 -19.15 21.57 -7.53
CA GLU A 43 -18.64 20.37 -8.18
C GLU A 43 -19.66 19.84 -9.20
N ASP A 44 -19.27 18.79 -9.94
CA ASP A 44 -20.14 18.12 -10.91
C ASP A 44 -20.89 16.96 -10.25
N ASP A 45 -22.22 17.00 -10.30
CA ASP A 45 -23.07 16.00 -9.64
C ASP A 45 -23.23 14.67 -10.42
N ASN A 46 -22.23 14.28 -11.20
CA ASN A 46 -22.22 12.96 -11.87
C ASN A 46 -21.60 11.87 -10.97
N ILE A 47 -22.45 10.93 -10.53
CA ILE A 47 -22.04 9.83 -9.65
C ILE A 47 -22.27 8.46 -10.31
N GLU A 48 -22.16 8.43 -11.64
CA GLU A 48 -22.30 7.20 -12.43
C GLU A 48 -21.21 6.16 -12.14
N HIS A 49 -20.08 6.61 -11.59
CA HIS A 49 -18.91 5.75 -11.36
C HIS A 49 -18.94 4.98 -10.05
N ILE A 50 -19.92 5.28 -9.20
CA ILE A 50 -20.14 4.48 -8.00
C ILE A 50 -21.49 3.81 -8.06
N LYS A 51 -21.52 2.52 -7.72
CA LYS A 51 -22.76 1.76 -7.65
C LYS A 51 -22.83 0.94 -6.38
N VAL A 52 -23.90 1.14 -5.60
CA VAL A 52 -24.07 0.46 -4.32
C VAL A 52 -25.16 -0.60 -4.41
N GLN A 53 -24.83 -1.85 -4.05
CA GLN A 53 -25.81 -2.94 -4.04
C GLN A 53 -26.69 -2.94 -2.80
N PRO A 54 -27.83 -3.64 -2.84
CA PRO A 54 -28.63 -3.71 -1.63
C PRO A 54 -27.92 -4.51 -0.53
N PHE A 55 -28.24 -4.21 0.72
CA PHE A 55 -27.71 -4.94 1.88
C PHE A 55 -27.98 -6.44 1.73
N ASP A 56 -26.92 -7.24 1.67
CA ASP A 56 -27.00 -8.71 1.57
C ASP A 56 -27.34 -9.22 2.96
N ASP A 57 -28.56 -9.76 3.10
CA ASP A 57 -29.10 -10.17 4.40
C ASP A 57 -28.37 -11.40 4.99
N ASP A 58 -28.37 -12.51 4.25
CA ASP A 58 -27.81 -13.78 4.72
C ASP A 58 -26.26 -13.84 4.72
N ASN A 59 -25.61 -12.69 4.50
CA ASN A 59 -24.16 -12.59 4.60
C ASN A 59 -23.74 -11.32 5.35
N GLY A 60 -24.73 -10.63 5.92
CA GLY A 60 -24.53 -9.42 6.76
C GLY A 60 -23.59 -8.35 6.24
N ASP A 61 -23.75 -7.99 4.99
CA ASP A 61 -22.78 -7.12 4.32
C ASP A 61 -23.44 -6.33 3.21
N GLN A 62 -22.78 -5.26 2.78
CA GLN A 62 -23.25 -4.50 1.65
C GLN A 62 -22.10 -4.23 0.68
N GLY A 63 -22.36 -4.46 -0.60
CA GLY A 63 -21.35 -4.32 -1.63
C GLY A 63 -21.51 -3.05 -2.42
N MET A 64 -20.40 -2.59 -3.01
CA MET A 64 -20.42 -1.49 -3.96
C MET A 64 -19.33 -1.74 -4.97
N THR A 65 -19.50 -1.19 -6.17
CA THR A 65 -18.46 -1.24 -7.16
C THR A 65 -18.05 0.18 -7.53
N ILE A 66 -16.82 0.31 -7.97
CA ILE A 66 -16.37 1.55 -8.57
C ILE A 66 -15.90 1.27 -9.98
N ASN A 67 -16.52 1.92 -10.96
CA ASN A 67 -16.06 1.85 -12.35
C ASN A 67 -14.91 2.83 -12.56
N ARG A 68 -13.70 2.31 -12.73
CA ARG A 68 -12.49 3.13 -12.80
C ARG A 68 -12.35 3.91 -14.12
N GLY A 69 -13.26 3.68 -15.07
CA GLY A 69 -13.06 4.16 -16.42
C GLY A 69 -12.15 3.17 -17.11
N ASN A 70 -12.23 3.10 -18.44
CA ASN A 70 -11.63 1.99 -19.18
C ASN A 70 -12.27 0.67 -18.74
N SER A 71 -13.48 0.77 -18.18
CA SER A 71 -14.30 -0.36 -17.76
C SER A 71 -13.63 -1.37 -16.79
N GLN A 72 -12.64 -0.94 -16.01
CA GLN A 72 -12.10 -1.79 -14.95
C GLN A 72 -12.89 -1.58 -13.65
N VAL A 73 -13.79 -2.52 -13.34
CA VAL A 73 -14.73 -2.36 -12.19
C VAL A 73 -14.23 -3.04 -10.91
N ILE A 74 -14.06 -2.26 -9.85
CA ILE A 74 -13.48 -2.74 -8.60
C ILE A 74 -14.54 -2.92 -7.50
N PRO A 75 -14.67 -4.16 -6.98
CA PRO A 75 -15.68 -4.49 -5.96
C PRO A 75 -15.20 -4.23 -4.53
N PHE A 76 -16.16 -3.89 -3.66
CA PHE A 76 -15.90 -3.70 -2.23
C PHE A 76 -17.04 -4.19 -1.38
N LYS A 77 -16.75 -4.60 -0.15
CA LYS A 77 -17.79 -5.08 0.74
C LYS A 77 -17.55 -4.51 2.13
N PHE A 78 -18.56 -3.90 2.70
CA PHE A 78 -18.46 -3.38 4.07
C PHE A 78 -19.64 -3.89 4.86
N ASP A 79 -19.69 -3.56 6.14
CA ASP A 79 -20.78 -4.02 7.00
C ASP A 79 -22.12 -3.30 6.74
N LYS A 80 -22.06 -2.09 6.20
CA LYS A 80 -23.22 -1.30 5.82
C LYS A 80 -22.70 -0.14 4.95
N ILE A 81 -23.43 0.26 3.92
CA ILE A 81 -23.03 1.42 3.10
C ILE A 81 -24.15 2.45 3.08
N PHE A 82 -23.86 3.67 3.53
CA PHE A 82 -24.83 4.77 3.47
C PHE A 82 -24.69 5.65 2.24
N ASP A 83 -25.72 5.61 1.39
CA ASP A 83 -25.79 6.44 0.18
C ASP A 83 -25.96 7.96 0.49
N GLN A 84 -26.04 8.76 -0.56
CA GLN A 84 -26.04 10.22 -0.42
C GLN A 84 -27.27 10.82 0.27
N GLN A 85 -28.37 10.07 0.28
CA GLN A 85 -29.60 10.57 0.87
C GLN A 85 -29.57 10.45 2.39
N GLU A 86 -28.77 9.54 2.92
CA GLU A 86 -28.79 9.21 4.35
C GLU A 86 -28.26 10.35 5.23
N THR A 87 -29.05 10.68 6.26
CA THR A 87 -28.82 11.82 7.15
C THR A 87 -28.10 11.39 8.41
N ASN A 88 -27.49 12.36 9.09
CA ASN A 88 -26.86 12.11 10.39
C ASN A 88 -27.78 11.38 11.37
N ASP A 89 -29.05 11.76 11.39
CA ASP A 89 -30.02 11.11 12.28
C ASP A 89 -30.24 9.65 11.95
N GLU A 90 -30.31 9.32 10.67
CA GLU A 90 -30.51 7.95 10.25
C GLU A 90 -29.26 7.13 10.60
N ILE A 91 -28.11 7.74 10.38
CA ILE A 91 -26.84 7.11 10.70
C ILE A 91 -26.67 6.81 12.19
N PHE A 92 -27.22 7.65 13.05
CA PHE A 92 -27.12 7.37 14.48
C PHE A 92 -27.93 6.15 14.94
N LYS A 93 -29.05 5.88 14.27
CA LYS A 93 -29.88 4.70 14.59
C LYS A 93 -29.01 3.43 14.54
N GLU A 94 -28.13 3.37 13.54
CA GLU A 94 -27.19 2.26 13.35
C GLU A 94 -25.87 2.37 14.15
N VAL A 95 -25.77 3.32 15.07
CA VAL A 95 -24.58 3.48 15.92
C VAL A 95 -24.95 3.39 17.42
N GLY A 96 -26.22 3.68 17.69
CA GLY A 96 -26.73 3.77 19.04
C GLY A 96 -26.41 2.55 19.88
N GLN A 97 -26.63 1.39 19.31
CA GLN A 97 -26.40 0.13 20.01
C GLN A 97 -24.95 0.01 20.51
N LEU A 98 -23.99 0.43 19.66
CA LEU A 98 -22.59 0.46 20.05
C LEU A 98 -22.35 1.38 21.25
N ILE A 99 -22.92 2.58 21.22
CA ILE A 99 -22.81 3.54 22.35
C ILE A 99 -23.26 2.94 23.69
N GLN A 100 -24.34 2.18 23.66
CA GLN A 100 -24.92 1.56 24.85
C GLN A 100 -23.95 0.58 25.54
N SER A 101 -22.90 0.18 24.84
CA SER A 101 -21.84 -0.69 25.36
C SER A 101 -21.14 -0.08 26.55
N SER A 102 -20.97 1.23 26.53
CA SER A 102 -20.17 1.87 27.55
C SER A 102 -20.84 1.81 28.91
N LEU A 103 -22.15 1.54 28.92
CA LEU A 103 -22.86 1.29 30.17
C LEU A 103 -22.60 -0.11 30.75
N ASP A 104 -22.25 -1.07 29.89
CA ASP A 104 -21.78 -2.43 30.30
C ASP A 104 -20.26 -2.48 30.54
N GLY A 105 -19.61 -1.32 30.63
CA GLY A 105 -18.18 -1.29 30.86
C GLY A 105 -17.27 -1.59 29.66
N TYR A 106 -17.79 -1.52 28.45
CA TYR A 106 -16.93 -1.67 27.27
C TYR A 106 -16.30 -0.35 26.91
N ASN A 107 -15.09 -0.40 26.36
CA ASN A 107 -14.53 0.75 25.69
C ASN A 107 -14.88 0.73 24.23
N VAL A 108 -15.05 1.94 23.69
CA VAL A 108 -15.58 2.11 22.35
C VAL A 108 -14.75 3.15 21.60
N CYS A 109 -14.50 2.88 20.32
CA CYS A 109 -13.86 3.84 19.43
C CYS A 109 -14.68 3.98 18.16
N ILE A 110 -14.99 5.21 17.78
CA ILE A 110 -15.55 5.48 16.48
C ILE A 110 -14.64 6.43 15.76
N PHE A 111 -14.08 5.97 14.64
CA PHE A 111 -13.18 6.75 13.81
C PHE A 111 -13.87 7.22 12.55
N ALA A 112 -13.51 8.40 12.08
CA ALA A 112 -13.89 8.88 10.75
C ALA A 112 -12.64 9.01 9.88
N TYR A 113 -12.61 8.26 8.78
CA TYR A 113 -11.46 8.20 7.92
C TYR A 113 -11.83 8.65 6.52
N GLY A 114 -10.91 9.31 5.83
CA GLY A 114 -11.10 9.63 4.42
C GLY A 114 -10.48 10.97 4.06
N GLN A 115 -10.56 11.33 2.78
CA GLN A 115 -9.85 12.51 2.30
C GLN A 115 -10.41 13.84 2.83
N THR A 116 -9.57 14.87 2.89
CA THR A 116 -10.04 16.19 3.20
C THR A 116 -11.14 16.51 2.18
N GLY A 117 -12.29 16.97 2.67
CA GLY A 117 -13.43 17.23 1.82
C GLY A 117 -14.50 16.14 1.82
N SER A 118 -14.24 15.01 2.43
CA SER A 118 -15.18 13.90 2.26
C SER A 118 -16.32 13.86 3.27
N GLY A 119 -16.26 14.71 4.30
CA GLY A 119 -17.32 14.75 5.31
C GLY A 119 -17.04 14.13 6.69
N LYS A 120 -15.78 14.09 7.10
CA LYS A 120 -15.43 13.54 8.40
C LYS A 120 -15.94 14.42 9.54
N THR A 121 -15.66 15.73 9.46
CA THR A 121 -16.07 16.66 10.49
C THR A 121 -17.58 16.71 10.54
N TYR A 122 -18.21 16.67 9.38
CA TYR A 122 -19.64 16.76 9.31
C TYR A 122 -20.26 15.54 9.99
N THR A 123 -19.72 14.36 9.70
CA THR A 123 -20.16 13.15 10.36
C THR A 123 -19.97 13.18 11.88
N MET A 124 -18.82 13.63 12.35
CA MET A 124 -18.55 13.60 13.80
C MET A 124 -19.09 14.78 14.60
N LEU A 125 -19.18 15.96 13.98
CA LEU A 125 -19.34 17.21 14.76
C LEU A 125 -20.44 18.16 14.33
N ASN A 126 -21.29 17.74 13.41
CA ASN A 126 -22.37 18.61 12.98
C ASN A 126 -23.35 18.93 14.13
N PRO A 127 -23.63 20.23 14.37
CA PRO A 127 -24.45 20.60 15.55
C PRO A 127 -25.76 19.82 15.66
N GLY A 128 -25.95 19.12 16.78
CA GLY A 128 -27.16 18.35 17.04
C GLY A 128 -27.22 16.98 16.35
N ASP A 129 -26.72 16.92 15.12
CA ASP A 129 -26.81 15.74 14.28
C ASP A 129 -25.59 14.79 14.39
N GLY A 130 -24.40 15.35 14.59
CA GLY A 130 -23.17 14.57 14.46
C GLY A 130 -22.97 13.51 15.52
N ILE A 131 -22.10 12.54 15.25
CA ILE A 131 -21.82 11.48 16.22
C ILE A 131 -21.57 12.01 17.65
N VAL A 132 -20.75 13.06 17.79
CA VAL A 132 -20.46 13.59 19.14
C VAL A 132 -21.70 14.16 19.85
N PRO A 133 -22.36 15.20 19.31
CA PRO A 133 -23.58 15.61 20.03
C PRO A 133 -24.63 14.50 20.18
N ALA A 134 -24.80 13.65 19.17
CA ALA A 134 -25.79 12.56 19.27
C ALA A 134 -25.42 11.57 20.38
N THR A 135 -24.14 11.21 20.45
CA THR A 135 -23.67 10.30 21.44
C THR A 135 -23.94 10.86 22.81
N ILE A 136 -23.51 12.10 23.04
CA ILE A 136 -23.71 12.73 24.36
C ILE A 136 -25.18 12.69 24.73
N ASN A 137 -26.03 13.07 23.80
CA ASN A 137 -27.47 13.08 24.06
C ASN A 137 -28.04 11.68 24.38
N HIS A 138 -27.58 10.69 23.64
CA HIS A 138 -28.04 9.34 23.79
C HIS A 138 -27.70 8.82 25.15
N ILE A 139 -26.48 9.13 25.60
CA ILE A 139 -25.99 8.71 26.89
C ILE A 139 -26.80 9.29 28.05
N PHE A 140 -27.26 10.53 27.92
CA PHE A 140 -28.08 11.13 28.96
C PHE A 140 -29.43 10.43 29.12
N SER A 141 -30.07 10.09 28.01
CA SER A 141 -31.29 9.29 28.03
C SER A 141 -31.14 8.07 28.92
N TRP A 142 -30.09 7.31 28.68
CA TRP A 142 -29.87 6.11 29.44
C TRP A 142 -29.57 6.38 30.88
N ILE A 143 -28.81 7.45 31.16
CA ILE A 143 -28.58 7.86 32.52
C ILE A 143 -29.89 8.17 33.23
N ASP A 144 -30.73 8.99 32.61
CA ASP A 144 -32.02 9.33 33.21
C ASP A 144 -32.75 8.06 33.61
N LYS A 145 -32.83 7.13 32.67
CA LYS A 145 -33.52 5.87 32.88
C LYS A 145 -32.88 4.97 33.94
N LEU A 146 -31.56 4.85 33.95
CA LEU A 146 -30.89 3.98 34.90
C LEU A 146 -30.93 4.46 36.35
N ALA A 147 -31.23 5.75 36.52
CA ALA A 147 -31.38 6.35 37.84
C ALA A 147 -32.52 5.67 38.59
N ALA A 148 -33.54 5.26 37.83
CA ALA A 148 -34.65 4.51 38.39
C ALA A 148 -34.22 3.17 39.05
N ARG A 149 -33.05 2.66 38.70
CA ARG A 149 -32.55 1.42 39.32
C ARG A 149 -31.47 1.74 40.35
N GLY A 150 -31.35 3.03 40.68
CA GLY A 150 -30.37 3.47 41.66
C GLY A 150 -28.95 3.62 41.15
N TRP A 151 -28.74 3.53 39.84
CA TRP A 151 -27.44 3.88 39.25
C TRP A 151 -27.29 5.35 39.25
N SER A 152 -26.12 5.82 39.62
CA SER A 152 -25.82 7.23 39.45
C SER A 152 -24.50 7.33 38.71
N TYR A 153 -24.44 8.29 37.79
CA TYR A 153 -23.40 8.30 36.79
C TYR A 153 -22.70 9.66 36.76
N LYS A 154 -21.37 9.63 36.65
CA LYS A 154 -20.59 10.85 36.35
C LYS A 154 -20.12 10.78 34.90
N VAL A 155 -20.35 11.87 34.18
CA VAL A 155 -19.93 12.00 32.80
C VAL A 155 -18.92 13.13 32.73
N SER A 156 -17.71 12.81 32.30
CA SER A 156 -16.75 13.86 31.99
C SER A 156 -16.19 13.68 30.59
N CYS A 157 -15.61 14.74 30.06
CA CYS A 157 -15.01 14.66 28.75
C CYS A 157 -13.77 15.51 28.60
N GLU A 158 -13.02 15.20 27.55
CA GLU A 158 -11.85 15.91 27.13
C GLU A 158 -11.91 15.99 25.63
N PHE A 159 -11.36 17.06 25.08
CA PHE A 159 -11.40 17.31 23.66
C PHE A 159 -10.03 17.75 23.24
N ILE A 160 -9.32 16.87 22.53
CA ILE A 160 -7.95 17.16 22.11
C ILE A 160 -7.75 17.13 20.60
N GLU A 161 -6.67 17.77 20.16
CA GLU A 161 -6.25 17.74 18.77
C GLU A 161 -4.80 17.30 18.75
N ILE A 162 -4.48 16.40 17.84
CA ILE A 162 -3.12 15.95 17.66
C ILE A 162 -2.60 16.35 16.26
N TYR A 163 -1.47 17.05 16.25
CA TYR A 163 -0.82 17.47 15.00
C TYR A 163 0.68 17.25 15.13
N ASN A 164 1.25 16.49 14.19
CA ASN A 164 2.69 16.13 14.22
C ASN A 164 3.11 15.64 15.60
N GLU A 165 2.22 14.88 16.22
CA GLU A 165 2.42 14.28 17.52
C GLU A 165 2.45 15.28 18.68
N ASN A 166 1.92 16.47 18.45
CA ASN A 166 1.68 17.42 19.53
C ASN A 166 0.20 17.52 19.89
N ILE A 167 -0.05 17.34 21.18
CA ILE A 167 -1.38 17.40 21.74
C ILE A 167 -1.72 18.85 22.12
N VAL A 168 -2.84 19.35 21.60
CA VAL A 168 -3.37 20.65 21.98
C VAL A 168 -4.76 20.50 22.62
N ASP A 169 -4.99 21.16 23.75
CA ASP A 169 -6.28 21.08 24.42
C ASP A 169 -7.29 22.10 23.90
N LEU A 170 -8.39 21.59 23.34
CA LEU A 170 -9.43 22.44 22.77
C LEU A 170 -10.49 22.92 23.78
N LEU A 171 -10.27 22.66 25.06
CA LEU A 171 -11.12 23.23 26.09
C LEU A 171 -10.37 24.28 26.95
N ARG A 172 -9.11 24.58 26.61
CA ARG A 172 -8.26 25.47 27.45
C ARG A 172 -8.87 26.85 27.70
N LYS A 188 2.68 21.50 28.80
CA LYS A 188 3.22 20.23 28.33
C LYS A 188 2.19 19.12 28.58
N HIS A 189 1.88 18.35 27.54
CA HIS A 189 0.82 17.35 27.64
C HIS A 189 1.33 15.94 27.40
N GLU A 190 1.52 15.20 28.48
CA GLU A 190 2.19 13.91 28.36
C GLU A 190 1.23 12.75 28.61
N ILE A 191 1.38 11.69 27.81
CA ILE A 191 0.58 10.49 28.02
C ILE A 191 1.11 9.55 29.11
N ARG A 192 0.24 9.16 30.03
CA ARG A 192 0.60 8.23 31.08
C ARG A 192 -0.43 7.13 31.21
N HIS A 193 0.02 5.89 31.06
CA HIS A 193 -0.83 4.72 31.25
C HIS A 193 -0.67 4.16 32.62
N ASP A 194 -1.74 3.61 33.15
CA ASP A 194 -1.64 2.83 34.36
C ASP A 194 -1.83 1.38 33.99
N GLN A 195 -0.71 0.67 33.88
CA GLN A 195 -0.67 -0.75 33.55
C GLN A 195 -1.79 -1.51 34.28
N GLU A 196 -1.75 -1.47 35.61
CA GLU A 196 -2.68 -2.25 36.44
C GLU A 196 -4.17 -1.97 36.17
N LEU A 197 -4.57 -0.72 36.31
CA LEU A 197 -5.97 -0.35 36.13
C LEU A 197 -6.40 -0.23 34.68
N LYS A 198 -5.45 -0.42 33.76
CA LYS A 198 -5.68 -0.28 32.31
C LYS A 198 -6.43 1.00 31.91
N THR A 199 -5.96 2.14 32.44
CA THR A 199 -6.53 3.45 32.13
C THR A 199 -5.45 4.37 31.60
N THR A 200 -5.86 5.47 30.99
CA THR A 200 -4.94 6.38 30.32
C THR A 200 -5.19 7.82 30.74
N TYR A 201 -4.12 8.56 31.00
CA TYR A 201 -4.22 9.95 31.41
C TYR A 201 -3.36 10.83 30.52
N ILE A 202 -3.87 12.01 30.18
CA ILE A 202 -3.03 13.03 29.55
C ILE A 202 -2.86 14.19 30.50
N THR A 203 -1.62 14.54 30.81
CA THR A 203 -1.35 15.58 31.79
C THR A 203 -1.75 16.99 31.36
N ASN A 204 -2.23 17.77 32.34
CA ASN A 204 -2.64 19.17 32.18
C ASN A 204 -3.78 19.41 31.17
N ILE A 205 -4.66 18.44 31.02
CA ILE A 205 -5.78 18.57 30.09
C ILE A 205 -6.99 18.98 30.90
N THR A 206 -7.73 19.99 30.44
CA THR A 206 -8.93 20.36 31.16
C THR A 206 -10.00 19.32 30.89
N THR A 207 -10.43 18.72 31.97
CA THR A 207 -11.50 17.77 31.90
C THR A 207 -12.74 18.50 32.39
N CYS A 208 -13.69 18.59 31.48
CA CYS A 208 -14.94 19.24 31.73
C CYS A 208 -15.96 18.20 32.24
N VAL A 209 -16.53 18.46 33.41
CA VAL A 209 -17.60 17.62 33.98
C VAL A 209 -18.95 18.00 33.32
N LEU A 210 -19.57 17.06 32.63
CA LEU A 210 -20.89 17.28 32.01
C LEU A 210 -22.02 17.09 33.01
N ASP A 211 -22.40 18.18 33.66
CA ASP A 211 -23.32 18.15 34.79
C ASP A 211 -24.77 18.21 34.33
N SER A 212 -24.99 18.80 33.17
CA SER A 212 -26.33 19.09 32.68
C SER A 212 -26.40 19.21 31.16
N ARG A 213 -27.62 19.17 30.62
CA ARG A 213 -27.85 19.43 29.20
C ARG A 213 -27.49 20.89 28.85
N ASP A 214 -27.67 21.79 29.81
CA ASP A 214 -27.19 23.16 29.69
C ASP A 214 -25.66 23.19 29.58
N THR A 215 -24.97 22.57 30.53
CA THR A 215 -23.50 22.47 30.50
C THR A 215 -22.93 21.87 29.18
N VAL A 216 -23.57 20.81 28.68
CA VAL A 216 -23.20 20.22 27.40
C VAL A 216 -23.33 21.24 26.27
N ASP A 217 -24.51 21.87 26.18
CA ASP A 217 -24.83 22.80 25.09
C ASP A 217 -23.82 23.94 25.00
N LYS A 218 -23.35 24.45 26.14
CA LYS A 218 -22.32 25.49 26.16
C LYS A 218 -21.02 25.02 25.53
N VAL A 219 -20.54 23.85 25.95
CA VAL A 219 -19.29 23.27 25.42
C VAL A 219 -19.31 23.06 23.90
N LEU A 220 -20.40 22.47 23.38
CA LEU A 220 -20.53 22.20 21.93
C LEU A 220 -20.82 23.44 21.09
N LYS A 221 -21.64 24.37 21.60
CA LYS A 221 -21.90 25.64 20.91
C LYS A 221 -20.59 26.41 20.76
N ARG A 222 -19.72 26.29 21.77
CA ARG A 222 -18.38 26.87 21.72
C ARG A 222 -17.57 26.25 20.56
N ALA A 223 -17.62 24.93 20.42
CA ALA A 223 -16.90 24.25 19.33
C ALA A 223 -17.47 24.57 17.95
N SER A 231 -11.13 30.18 10.25
CA SER A 231 -10.03 30.79 9.47
C SER A 231 -9.38 29.84 8.46
N THR A 232 -8.79 30.45 7.42
CA THR A 232 -8.26 29.68 6.31
C THR A 232 -7.09 28.80 6.76
N ALA A 233 -6.20 29.37 7.57
CA ALA A 233 -5.08 28.63 8.13
C ALA A 233 -5.58 27.58 9.09
N ALA A 234 -6.50 27.97 9.95
CA ALA A 234 -7.09 27.08 10.93
C ALA A 234 -7.73 25.85 10.29
N ASN A 235 -8.36 26.03 9.13
CA ASN A 235 -9.02 24.87 8.47
C ASN A 235 -7.98 23.93 7.89
N GLU A 236 -6.96 24.51 7.26
CA GLU A 236 -5.89 23.71 6.73
C GLU A 236 -5.26 22.92 7.86
N HIS A 237 -5.07 23.59 9.00
CA HIS A 237 -4.47 22.98 10.14
C HIS A 237 -5.27 21.83 10.65
N SER A 238 -6.56 22.04 10.89
CA SER A 238 -7.34 20.95 11.48
C SER A 238 -7.55 19.79 10.51
N SER A 239 -7.47 20.06 9.21
CA SER A 239 -7.60 18.98 8.24
C SER A 239 -6.34 18.10 8.16
N ARG A 240 -5.25 18.58 8.76
CA ARG A 240 -4.05 17.79 8.95
C ARG A 240 -3.89 17.28 10.38
N SER A 241 -4.98 17.22 11.15
CA SER A 241 -4.93 16.86 12.56
C SER A 241 -5.95 15.79 12.89
N HIS A 242 -5.66 15.02 13.94
CA HIS A 242 -6.72 14.19 14.51
C HIS A 242 -7.43 14.98 15.56
N SER A 243 -8.73 14.78 15.65
CA SER A 243 -9.53 15.42 16.68
C SER A 243 -10.16 14.34 17.50
N ILE A 244 -9.83 14.31 18.78
CA ILE A 244 -10.35 13.27 19.65
C ILE A 244 -11.24 13.83 20.75
N PHE A 245 -12.47 13.34 20.79
CA PHE A 245 -13.36 13.65 21.88
C PHE A 245 -13.44 12.44 22.80
N ILE A 246 -13.08 12.60 24.07
CA ILE A 246 -13.06 11.47 24.98
C ILE A 246 -14.14 11.66 26.02
N ILE A 247 -15.03 10.69 26.14
CA ILE A 247 -16.05 10.71 27.19
C ILE A 247 -15.76 9.59 28.19
N HIS A 248 -15.70 9.94 29.46
CA HIS A 248 -15.54 8.97 30.52
C HIS A 248 -16.88 8.83 31.19
N LEU A 249 -17.29 7.57 31.39
CA LEU A 249 -18.52 7.23 32.08
C LEU A 249 -18.23 6.46 33.34
N GLU A 250 -18.57 7.02 34.50
CA GLU A 250 -18.41 6.30 35.76
C GLU A 250 -19.76 6.13 36.45
N GLY A 251 -20.12 4.89 36.78
CA GLY A 251 -21.36 4.62 37.49
C GLY A 251 -21.13 3.81 38.74
N LYS A 252 -21.86 4.17 39.77
CA LYS A 252 -21.90 3.43 41.01
C LYS A 252 -23.36 3.22 41.30
N ASN A 253 -23.67 2.13 41.98
CA ASN A 253 -25.01 1.85 42.41
C ASN A 253 -24.91 1.40 43.85
N GLU A 254 -25.18 2.33 44.77
CA GLU A 254 -25.12 2.07 46.21
C GLU A 254 -25.96 0.84 46.61
N GLY A 255 -27.16 0.74 46.07
CA GLY A 255 -28.09 -0.35 46.39
C GLY A 255 -27.57 -1.77 46.14
N THR A 256 -26.77 -1.92 45.08
CA THR A 256 -26.21 -3.22 44.72
C THR A 256 -24.71 -3.28 45.03
N GLY A 257 -24.06 -2.13 45.05
CA GLY A 257 -22.61 -2.03 45.22
C GLY A 257 -21.86 -1.95 43.89
N GLU A 258 -22.56 -2.29 42.80
CA GLU A 258 -21.95 -2.43 41.49
C GLU A 258 -21.29 -1.13 41.01
N LYS A 259 -20.15 -1.28 40.34
CA LYS A 259 -19.47 -0.18 39.65
C LYS A 259 -19.44 -0.46 38.14
N SER A 260 -19.17 0.59 37.34
CA SER A 260 -18.99 0.48 35.88
C SER A 260 -18.13 1.62 35.38
N GLN A 261 -17.23 1.33 34.44
CA GLN A 261 -16.54 2.40 33.71
C GLN A 261 -16.65 2.15 32.21
N GLY A 262 -16.77 3.23 31.44
CA GLY A 262 -16.78 3.13 30.00
C GLY A 262 -16.10 4.36 29.42
N ILE A 263 -15.20 4.16 28.47
CA ILE A 263 -14.68 5.24 27.70
C ILE A 263 -15.28 5.12 26.30
N LEU A 264 -15.60 6.26 25.70
CA LEU A 264 -15.95 6.36 24.29
C LEU A 264 -14.98 7.32 23.66
N ASN A 265 -14.32 6.93 22.57
CA ASN A 265 -13.38 7.83 21.94
C ASN A 265 -13.92 8.14 20.57
N LEU A 266 -14.30 9.39 20.32
CA LEU A 266 -14.89 9.72 19.05
C LEU A 266 -13.83 10.47 18.31
N VAL A 267 -13.35 9.86 17.23
CA VAL A 267 -12.16 10.35 16.55
C VAL A 267 -12.43 10.82 15.12
N ASP A 268 -11.95 12.01 14.80
CA ASP A 268 -12.08 12.63 13.49
C ASP A 268 -10.63 12.71 12.98
N LEU A 269 -10.23 11.82 12.08
CA LEU A 269 -8.81 11.69 11.72
C LEU A 269 -8.27 12.76 10.77
N ALA A 270 -6.95 12.88 10.71
CA ALA A 270 -6.31 13.69 9.67
C ALA A 270 -6.73 13.15 8.34
N GLY A 271 -6.90 14.03 7.35
CA GLY A 271 -7.18 13.62 5.97
C GLY A 271 -6.19 12.57 5.49
N SER A 272 -6.68 11.63 4.67
CA SER A 272 -5.88 10.49 4.23
C SER A 272 -5.13 10.65 2.90
N GLU A 273 -5.35 11.74 2.21
CA GLU A 273 -4.65 11.98 0.93
C GLU A 273 -3.16 12.20 1.18
N ARG A 274 -2.32 11.89 0.19
CA ARG A 274 -0.86 12.03 0.35
C ARG A 274 -0.37 13.47 0.23
N LEU A 275 0.47 13.89 1.17
CA LEU A 275 1.08 15.23 1.14
C LEU A 275 2.59 15.19 0.91
N SER A 290 4.45 11.99 8.29
CA SER A 290 4.00 11.96 9.69
C SER A 290 2.49 11.69 9.88
N ILE A 291 1.62 12.46 9.22
CA ILE A 291 0.17 12.14 9.19
C ILE A 291 -0.01 10.79 8.48
N ASN A 292 0.65 10.66 7.33
CA ASN A 292 0.83 9.37 6.70
C ASN A 292 1.28 8.26 7.68
N LYS A 293 2.32 8.52 8.49
CA LYS A 293 2.81 7.47 9.41
C LYS A 293 1.76 7.05 10.45
N SER A 294 1.11 8.00 11.11
CA SER A 294 0.05 7.62 12.05
C SER A 294 -1.21 6.96 11.44
N LEU A 295 -1.51 7.20 10.16
CA LEU A 295 -2.65 6.50 9.55
C LEU A 295 -2.31 5.04 9.25
N SER A 296 -1.12 4.80 8.70
CA SER A 296 -0.62 3.45 8.47
C SER A 296 -0.54 2.70 9.77
N CYS A 297 -0.10 3.37 10.83
CA CYS A 297 0.15 2.64 12.03
C CYS A 297 -1.19 2.24 12.67
N LEU A 298 -2.18 3.13 12.57
CA LEU A 298 -3.54 2.79 12.94
C LEU A 298 -4.08 1.60 12.14
N GLY A 299 -3.83 1.59 10.83
CA GLY A 299 -4.22 0.48 9.95
C GLY A 299 -3.61 -0.83 10.41
N ASP A 300 -2.30 -0.84 10.61
CA ASP A 300 -1.57 -2.02 11.05
C ASP A 300 -2.07 -2.52 12.40
N VAL A 301 -2.29 -1.59 13.34
CA VAL A 301 -2.83 -1.92 14.66
C VAL A 301 -4.20 -2.62 14.57
N ILE A 302 -5.15 -2.00 13.88
CA ILE A 302 -6.51 -2.56 13.79
C ILE A 302 -6.55 -3.90 13.06
N HIS A 303 -5.87 -4.00 11.94
CA HIS A 303 -5.81 -5.24 11.21
C HIS A 303 -5.26 -6.34 12.09
N ALA A 304 -4.22 -6.04 12.84
CA ALA A 304 -3.58 -7.05 13.66
C ALA A 304 -4.43 -7.42 14.85
N LEU A 305 -5.28 -6.49 15.29
CA LEU A 305 -6.27 -6.79 16.33
C LEU A 305 -7.38 -7.67 15.80
N ASN A 306 -7.65 -7.59 14.49
CA ASN A 306 -8.61 -8.49 13.80
C ASN A 306 -8.16 -9.93 13.52
N SER A 307 -6.86 -10.12 13.31
CA SER A 307 -6.31 -11.42 12.85
C SER A 307 -6.18 -12.49 13.94
N LYS A 312 -3.18 -12.41 20.57
CA LYS A 312 -2.30 -13.56 20.48
C LYS A 312 -0.88 -13.23 19.96
N ARG A 313 -0.77 -12.28 19.03
CA ARG A 313 0.53 -11.80 18.53
C ARG A 313 0.77 -10.35 18.96
N HIS A 314 1.92 -9.78 18.57
CA HIS A 314 2.39 -8.51 19.12
C HIS A 314 2.02 -7.27 18.34
N ILE A 315 1.43 -6.31 19.06
CA ILE A 315 0.86 -5.11 18.45
C ILE A 315 1.59 -3.83 18.86
N PRO A 316 2.23 -3.15 17.89
CA PRO A 316 3.09 -2.00 18.21
C PRO A 316 2.26 -0.72 18.37
N PHE A 317 1.57 -0.63 19.49
CA PHE A 317 0.82 0.56 19.86
C PHE A 317 1.74 1.79 19.92
N ARG A 318 2.91 1.61 20.51
CA ARG A 318 3.86 2.70 20.72
C ARG A 318 4.43 3.34 19.43
N ASN A 319 4.25 2.67 18.29
CA ASN A 319 4.76 3.18 17.02
C ASN A 319 4.16 4.53 16.55
N SER A 320 3.06 4.97 17.15
CA SER A 320 2.51 6.29 16.89
C SER A 320 1.70 6.81 18.07
N LYS A 321 1.63 8.13 18.18
CA LYS A 321 0.98 8.73 19.32
C LYS A 321 -0.49 8.33 19.39
N LEU A 322 -1.13 8.28 18.22
CA LEU A 322 -2.57 8.09 18.16
C LEU A 322 -2.92 6.73 18.71
N THR A 323 -2.21 5.70 18.26
CA THR A 323 -2.49 4.36 18.73
C THR A 323 -2.02 4.15 20.17
N TYR A 324 -0.97 4.88 20.57
CA TYR A 324 -0.47 4.80 21.94
C TYR A 324 -1.44 5.43 22.91
N LEU A 325 -2.04 6.54 22.51
CA LEU A 325 -3.06 7.17 23.32
C LEU A 325 -4.31 6.30 23.49
N LEU A 326 -4.73 5.66 22.41
CA LEU A 326 -5.97 4.91 22.41
C LEU A 326 -5.81 3.43 22.75
N GLN A 327 -4.60 2.97 23.08
CA GLN A 327 -4.41 1.53 23.23
C GLN A 327 -5.45 0.79 24.09
N TYR A 328 -5.80 1.33 25.26
CA TYR A 328 -6.73 0.60 26.14
C TYR A 328 -8.18 0.65 25.66
N SER A 329 -8.47 1.49 24.67
CA SER A 329 -9.77 1.40 24.04
C SER A 329 -9.73 0.63 22.71
N LEU A 330 -8.61 -0.06 22.43
CA LEU A 330 -8.53 -0.90 21.25
C LEU A 330 -8.23 -2.39 21.55
N ILE A 331 -7.67 -2.73 22.72
CA ILE A 331 -7.42 -4.13 23.03
C ILE A 331 -8.61 -4.76 23.73
N GLY A 332 -8.54 -6.09 23.90
CA GLY A 332 -9.52 -6.85 24.67
C GLY A 332 -10.91 -6.83 24.09
N SER A 333 -11.90 -6.66 24.98
CA SER A 333 -13.30 -6.66 24.59
C SER A 333 -13.71 -5.39 23.85
N SER A 334 -12.79 -4.45 23.70
CA SER A 334 -13.09 -3.15 23.09
C SER A 334 -13.78 -3.25 21.74
N LYS A 335 -14.72 -2.33 21.48
CA LYS A 335 -15.44 -2.31 20.22
C LYS A 335 -15.09 -1.09 19.37
N THR A 336 -14.89 -1.33 18.09
CA THR A 336 -14.48 -0.26 17.18
C THR A 336 -15.40 -0.19 15.98
N LEU A 337 -15.64 1.02 15.52
CA LEU A 337 -16.37 1.22 14.29
C LEU A 337 -15.62 2.28 13.53
N MET A 338 -15.36 1.99 12.26
CA MET A 338 -14.77 3.00 11.38
C MET A 338 -15.72 3.43 10.28
N PHE A 339 -15.88 4.75 10.15
CA PHE A 339 -16.55 5.36 9.01
C PHE A 339 -15.54 5.71 7.94
N VAL A 340 -15.74 5.18 6.75
CA VAL A 340 -14.97 5.60 5.62
C VAL A 340 -15.82 6.61 4.89
N ASN A 341 -15.40 7.87 4.92
CA ASN A 341 -16.12 8.91 4.23
C ASN A 341 -15.55 9.01 2.82
N ILE A 342 -16.41 8.93 1.80
CA ILE A 342 -15.91 9.13 0.44
C ILE A 342 -16.60 10.26 -0.28
N SER A 343 -15.84 10.95 -1.11
CA SER A 343 -16.38 11.96 -2.00
C SER A 343 -17.00 11.32 -3.26
N PRO A 344 -18.16 11.83 -3.69
CA PRO A 344 -18.84 11.27 -4.87
C PRO A 344 -18.26 11.75 -6.19
N ALA A 345 -17.29 12.66 -6.15
CA ALA A 345 -16.88 13.41 -7.35
C ALA A 345 -15.89 12.67 -8.25
N ALA A 346 -15.98 12.95 -9.54
CA ALA A 346 -15.12 12.32 -10.56
C ALA A 346 -13.62 12.60 -10.35
N LEU A 347 -13.27 13.87 -10.16
CA LEU A 347 -11.86 14.25 -9.97
C LEU A 347 -11.17 13.45 -8.85
N HIS A 348 -11.96 12.94 -7.90
CA HIS A 348 -11.43 12.25 -6.73
C HIS A 348 -11.54 10.75 -6.77
N LEU A 349 -11.60 10.17 -7.97
CA LEU A 349 -11.68 8.71 -8.11
C LEU A 349 -10.53 8.01 -7.38
N ASN A 350 -9.30 8.43 -7.63
CA ASN A 350 -8.13 7.76 -7.04
C ASN A 350 -8.07 7.80 -5.50
N GLU A 351 -8.25 8.97 -4.91
CA GLU A 351 -8.30 9.08 -3.44
C GLU A 351 -9.46 8.26 -2.83
N THR A 352 -10.58 8.14 -3.56
CA THR A 352 -11.72 7.34 -3.10
C THR A 352 -11.33 5.86 -3.05
N ILE A 353 -10.65 5.40 -4.09
CA ILE A 353 -10.14 4.04 -4.16
C ILE A 353 -9.17 3.73 -3.01
N ASN A 354 -8.23 4.62 -2.74
CA ASN A 354 -7.29 4.41 -1.63
C ASN A 354 -8.05 4.26 -0.32
N SER A 355 -8.97 5.17 -0.08
CA SER A 355 -9.84 5.08 1.09
C SER A 355 -10.53 3.74 1.22
N LEU A 356 -11.13 3.25 0.13
CA LEU A 356 -11.82 1.95 0.17
C LEU A 356 -10.90 0.76 0.39
N ARG A 357 -9.75 0.76 -0.30
CA ARG A 357 -8.77 -0.30 -0.13
C ARG A 357 -8.21 -0.31 1.28
N PHE A 358 -8.02 0.87 1.86
CA PHE A 358 -7.59 0.94 3.24
C PHE A 358 -8.67 0.33 4.14
N ALA A 359 -9.89 0.85 4.08
CA ALA A 359 -11.00 0.32 4.85
C ALA A 359 -11.16 -1.20 4.74
N SER A 360 -10.81 -1.78 3.60
CA SER A 360 -10.93 -3.22 3.41
C SER A 360 -9.95 -4.00 4.27
N LYS A 361 -8.66 -3.60 4.26
CA LYS A 361 -7.61 -4.28 5.05
C LYS A 361 -7.92 -4.19 6.54
N VAL A 362 -8.43 -3.05 6.95
CA VAL A 362 -8.81 -2.85 8.32
C VAL A 362 -9.94 -3.80 8.71
N ASN A 363 -10.77 -4.15 7.73
CA ASN A 363 -11.97 -4.95 7.92
C ASN A 363 -11.75 -6.44 7.66
N ASN A 364 -10.89 -6.76 6.68
CA ASN A 364 -10.68 -8.13 6.25
C ASN A 364 -9.66 -8.84 7.16
N GLY B 28 3.92 -21.90 -12.09
CA GLY B 28 4.83 -20.91 -12.76
C GLY B 28 5.45 -19.95 -11.77
N ASN B 29 6.69 -20.24 -11.41
CA ASN B 29 7.36 -19.57 -10.28
C ASN B 29 7.63 -18.05 -10.41
N ILE B 30 7.46 -17.36 -9.29
CA ILE B 30 7.83 -15.96 -9.14
C ILE B 30 8.71 -15.82 -7.91
N ARG B 31 9.95 -15.36 -8.12
CA ARG B 31 10.91 -15.19 -7.04
C ARG B 31 11.19 -13.70 -6.84
N VAL B 32 11.37 -13.30 -5.58
CA VAL B 32 11.75 -11.92 -5.28
C VAL B 32 13.12 -11.89 -4.60
N TYR B 33 14.03 -11.12 -5.17
CA TYR B 33 15.34 -10.99 -4.60
C TYR B 33 15.54 -9.57 -4.19
N CYS B 34 16.47 -9.37 -3.26
CA CYS B 34 16.76 -8.07 -2.77
C CYS B 34 18.27 -7.85 -2.83
N ARG B 35 18.68 -6.74 -3.43
CA ARG B 35 20.09 -6.44 -3.59
C ARG B 35 20.41 -5.11 -2.94
N ILE B 36 21.32 -5.15 -1.96
CA ILE B 36 21.81 -3.95 -1.32
C ILE B 36 23.17 -3.58 -1.91
N ARG B 37 23.22 -2.44 -2.56
CA ARG B 37 24.47 -1.98 -3.13
C ARG B 37 25.34 -1.39 -2.04
N PRO B 38 26.67 -1.40 -2.24
CA PRO B 38 27.59 -0.73 -1.31
C PRO B 38 27.38 0.79 -1.30
N PRO B 39 27.81 1.49 -0.23
CA PRO B 39 27.59 2.93 -0.19
C PRO B 39 28.46 3.61 -1.21
N LEU B 40 27.95 4.70 -1.79
CA LEU B 40 28.71 5.50 -2.74
C LEU B 40 29.80 6.30 -2.03
N PRO B 41 30.85 6.70 -2.78
CA PRO B 41 32.00 7.36 -2.14
C PRO B 41 31.59 8.58 -1.32
N HIS B 42 30.37 9.06 -1.52
CA HIS B 42 29.90 10.29 -0.87
C HIS B 42 28.75 10.10 0.07
N GLU B 43 28.35 8.85 0.28
CA GLU B 43 27.35 8.50 1.28
C GLU B 43 28.03 8.12 2.60
N ASP B 44 27.32 8.34 3.72
CA ASP B 44 27.80 7.86 5.02
C ASP B 44 27.79 6.33 5.00
N ASP B 45 28.80 5.73 5.61
CA ASP B 45 29.03 4.28 5.54
C ASP B 45 28.19 3.49 6.57
N ASN B 46 27.36 4.19 7.33
CA ASN B 46 26.56 3.58 8.39
C ASN B 46 25.39 2.72 7.89
N ILE B 47 25.46 1.43 8.18
CA ILE B 47 24.41 0.48 7.81
C ILE B 47 23.75 -0.13 9.07
N GLU B 48 24.07 0.43 10.26
CA GLU B 48 23.56 -0.10 11.54
C GLU B 48 22.02 -0.21 11.62
N HIS B 49 21.34 0.42 10.66
CA HIS B 49 19.88 0.41 10.62
C HIS B 49 19.31 -0.71 9.78
N ILE B 50 20.18 -1.48 9.10
CA ILE B 50 19.79 -2.67 8.30
C ILE B 50 20.59 -3.92 8.70
N LYS B 51 19.92 -4.91 9.28
CA LYS B 51 20.57 -6.19 9.52
C LYS B 51 19.99 -7.30 8.61
N VAL B 52 20.84 -7.90 7.80
CA VAL B 52 20.42 -9.03 7.00
C VAL B 52 20.75 -10.29 7.78
N GLN B 53 19.76 -11.16 8.00
CA GLN B 53 19.99 -12.46 8.65
C GLN B 53 20.60 -13.45 7.66
N PRO B 54 21.22 -14.54 8.15
CA PRO B 54 21.67 -15.54 7.18
C PRO B 54 20.54 -16.24 6.40
N PHE B 55 20.91 -16.78 5.25
CA PHE B 55 20.04 -17.61 4.42
C PHE B 55 19.59 -18.83 5.22
N ASP B 56 18.31 -19.13 5.14
CA ASP B 56 17.73 -20.20 5.92
C ASP B 56 17.51 -21.44 5.06
N ASP B 57 18.16 -22.54 5.45
CA ASP B 57 18.14 -23.79 4.70
C ASP B 57 16.74 -24.39 4.62
N ASP B 58 16.12 -24.57 5.78
CA ASP B 58 14.90 -25.36 5.93
C ASP B 58 13.61 -24.73 5.37
N ASN B 59 13.65 -23.44 5.03
CA ASN B 59 12.47 -22.77 4.46
C ASN B 59 12.73 -22.20 3.07
N GLY B 60 14.00 -22.02 2.73
CA GLY B 60 14.41 -21.41 1.47
C GLY B 60 14.04 -19.94 1.38
N ASP B 61 14.41 -19.19 2.41
CA ASP B 61 14.02 -17.80 2.56
C ASP B 61 15.09 -17.07 3.36
N GLN B 62 15.28 -15.79 3.07
CA GLN B 62 16.25 -14.99 3.78
C GLN B 62 15.52 -13.77 4.34
N GLY B 63 15.73 -13.51 5.61
CA GLY B 63 15.05 -12.43 6.28
C GLY B 63 15.95 -11.23 6.49
N MET B 64 15.34 -10.09 6.71
CA MET B 64 16.07 -8.90 7.12
C MET B 64 15.23 -8.00 7.99
N THR B 65 15.93 -7.15 8.74
CA THR B 65 15.36 -6.18 9.67
C THR B 65 15.81 -4.76 9.29
N ILE B 66 14.87 -3.83 9.30
CA ILE B 66 15.13 -2.40 9.09
C ILE B 66 14.69 -1.67 10.35
N ASN B 67 15.60 -0.96 11.04
CA ASN B 67 15.20 -0.10 12.16
C ASN B 67 14.79 1.30 11.66
N ARG B 68 13.48 1.56 11.71
CA ARG B 68 12.86 2.81 11.24
C ARG B 68 13.18 4.03 12.13
N GLY B 69 13.72 3.79 13.32
CA GLY B 69 13.97 4.86 14.29
C GLY B 69 13.15 4.65 15.53
N ASN B 70 13.79 4.80 16.69
CA ASN B 70 13.18 4.58 18.00
C ASN B 70 12.81 3.11 18.30
N SER B 71 13.76 2.22 17.96
CA SER B 71 13.62 0.77 18.11
C SER B 71 12.38 0.19 17.41
N GLN B 72 11.88 0.88 16.39
CA GLN B 72 10.78 0.36 15.60
C GLN B 72 11.36 -0.51 14.50
N VAL B 73 11.25 -1.81 14.67
CA VAL B 73 11.87 -2.78 13.76
C VAL B 73 10.80 -3.39 12.86
N ILE B 74 11.02 -3.31 11.54
CA ILE B 74 10.11 -3.93 10.59
C ILE B 74 10.81 -5.08 9.86
N PRO B 75 10.28 -6.32 9.99
CA PRO B 75 10.91 -7.47 9.35
C PRO B 75 10.45 -7.69 7.92
N PHE B 76 11.33 -8.23 7.09
CA PHE B 76 11.00 -8.61 5.70
C PHE B 76 11.57 -9.97 5.35
N LYS B 77 10.90 -10.67 4.45
CA LYS B 77 11.30 -12.01 4.03
C LYS B 77 11.28 -12.10 2.52
N PHE B 78 12.40 -12.52 1.95
CA PHE B 78 12.52 -12.71 0.50
C PHE B 78 13.15 -14.06 0.20
N ASP B 79 13.32 -14.37 -1.08
CA ASP B 79 13.82 -15.69 -1.46
C ASP B 79 15.34 -15.77 -1.40
N LYS B 80 15.98 -14.61 -1.60
CA LYS B 80 17.41 -14.43 -1.35
C LYS B 80 17.66 -12.96 -1.14
N ILE B 81 18.72 -12.65 -0.41
CA ILE B 81 19.10 -11.28 -0.14
C ILE B 81 20.58 -11.19 -0.38
N PHE B 82 21.00 -10.19 -1.16
CA PHE B 82 22.40 -9.98 -1.41
C PHE B 82 22.87 -8.74 -0.67
N ASP B 83 23.72 -8.93 0.34
CA ASP B 83 24.28 -7.81 1.08
C ASP B 83 25.29 -7.11 0.16
N GLN B 84 25.88 -6.02 0.66
CA GLN B 84 26.75 -5.12 -0.13
C GLN B 84 27.98 -5.77 -0.73
N GLN B 85 28.44 -6.85 -0.10
CA GLN B 85 29.64 -7.54 -0.51
C GLN B 85 29.45 -8.35 -1.81
N GLU B 86 28.22 -8.73 -2.10
CA GLU B 86 27.93 -9.61 -3.24
C GLU B 86 28.13 -8.90 -4.57
N THR B 87 28.86 -9.56 -5.47
CA THR B 87 29.16 -9.01 -6.80
C THR B 87 28.22 -9.58 -7.84
N ASN B 88 28.20 -8.94 -9.01
CA ASN B 88 27.38 -9.40 -10.13
C ASN B 88 27.64 -10.88 -10.49
N ASP B 89 28.92 -11.28 -10.56
CA ASP B 89 29.25 -12.66 -10.94
C ASP B 89 28.64 -13.70 -9.96
N GLU B 90 28.61 -13.36 -8.68
CA GLU B 90 27.96 -14.19 -7.68
C GLU B 90 26.43 -14.21 -7.87
N ILE B 91 25.80 -13.05 -8.04
CA ILE B 91 24.35 -12.95 -8.24
C ILE B 91 23.87 -13.78 -9.42
N PHE B 92 24.69 -13.86 -10.46
CA PHE B 92 24.29 -14.53 -11.67
C PHE B 92 24.30 -16.03 -11.51
N LYS B 93 25.22 -16.55 -10.69
CA LYS B 93 25.24 -17.99 -10.37
C LYS B 93 23.85 -18.49 -9.96
N GLU B 94 23.14 -17.69 -9.15
CA GLU B 94 21.78 -18.02 -8.70
C GLU B 94 20.68 -17.37 -9.56
N VAL B 95 20.97 -17.25 -10.86
CA VAL B 95 20.07 -16.70 -11.87
C VAL B 95 20.19 -17.51 -13.15
N GLY B 96 21.38 -18.08 -13.36
CA GLY B 96 21.71 -18.86 -14.53
C GLY B 96 20.70 -19.93 -14.89
N GLN B 97 20.45 -20.86 -13.97
CA GLN B 97 19.51 -21.96 -14.22
C GLN B 97 18.15 -21.43 -14.72
N LEU B 98 17.72 -20.28 -14.19
CA LEU B 98 16.49 -19.64 -14.66
C LEU B 98 16.61 -19.19 -16.12
N ILE B 99 17.73 -18.57 -16.49
CA ILE B 99 17.98 -18.11 -17.87
C ILE B 99 17.94 -19.25 -18.89
N GLN B 100 18.56 -20.39 -18.55
CA GLN B 100 18.64 -21.53 -19.45
C GLN B 100 17.28 -22.02 -19.86
N SER B 101 16.29 -21.85 -18.98
CA SER B 101 14.96 -22.43 -19.23
C SER B 101 14.30 -21.87 -20.50
N SER B 102 14.79 -20.71 -20.96
CA SER B 102 14.32 -20.13 -22.21
C SER B 102 14.70 -20.92 -23.47
N LEU B 103 15.78 -21.69 -23.41
CA LEU B 103 16.09 -22.62 -24.51
C LEU B 103 15.18 -23.85 -24.50
N ASP B 104 14.49 -24.09 -23.40
CA ASP B 104 13.48 -25.13 -23.34
C ASP B 104 12.07 -24.59 -23.61
N GLY B 105 12.00 -23.38 -24.16
CA GLY B 105 10.72 -22.79 -24.58
C GLY B 105 9.88 -22.05 -23.53
N TYR B 106 10.44 -21.86 -22.33
CA TYR B 106 9.81 -21.02 -21.30
C TYR B 106 10.00 -19.53 -21.56
N ASN B 107 9.03 -18.72 -21.17
CA ASN B 107 9.24 -17.28 -21.20
C ASN B 107 9.74 -16.83 -19.86
N VAL B 108 10.70 -15.92 -19.89
CA VAL B 108 11.36 -15.45 -18.68
C VAL B 108 11.22 -13.94 -18.57
N CYS B 109 10.98 -13.45 -17.35
CA CYS B 109 10.94 -12.01 -17.08
C CYS B 109 11.86 -11.68 -15.93
N ILE B 110 12.73 -10.70 -16.12
CA ILE B 110 13.55 -10.23 -15.01
C ILE B 110 13.35 -8.74 -14.83
N PHE B 111 12.91 -8.35 -13.64
CA PHE B 111 12.65 -6.92 -13.36
C PHE B 111 13.66 -6.36 -12.36
N ALA B 112 14.09 -5.13 -12.58
CA ALA B 112 14.82 -4.41 -11.55
C ALA B 112 13.94 -3.26 -11.05
N TYR B 113 13.67 -3.27 -9.75
CA TYR B 113 12.84 -2.27 -9.12
C TYR B 113 13.64 -1.54 -8.03
N GLY B 114 13.48 -0.22 -7.94
CA GLY B 114 14.04 0.55 -6.84
C GLY B 114 14.08 2.03 -7.16
N GLN B 115 14.45 2.85 -6.20
CA GLN B 115 14.52 4.29 -6.44
C GLN B 115 15.72 4.60 -7.35
N THR B 116 15.69 5.76 -7.97
CA THR B 116 16.83 6.24 -8.73
C THR B 116 18.03 6.24 -7.78
N GLY B 117 19.14 5.67 -8.24
CA GLY B 117 20.38 5.65 -7.48
C GLY B 117 20.61 4.34 -6.75
N SER B 118 19.63 3.45 -6.76
CA SER B 118 19.72 2.25 -5.96
C SER B 118 20.49 1.12 -6.64
N GLY B 119 20.70 1.24 -7.95
CA GLY B 119 21.55 0.30 -8.68
C GLY B 119 20.87 -0.59 -9.71
N LYS B 120 19.71 -0.17 -10.20
CA LYS B 120 18.96 -0.94 -11.19
C LYS B 120 19.75 -1.15 -12.47
N THR B 121 20.27 -0.05 -13.00
CA THR B 121 21.03 -0.09 -14.22
C THR B 121 22.34 -0.86 -14.02
N TYR B 122 23.01 -0.65 -12.90
CA TYR B 122 24.21 -1.42 -12.58
C TYR B 122 23.93 -2.94 -12.55
N THR B 123 22.84 -3.36 -11.93
CA THR B 123 22.51 -4.78 -11.90
C THR B 123 22.24 -5.36 -13.31
N MET B 124 21.53 -4.62 -14.16
CA MET B 124 21.15 -5.12 -15.48
C MET B 124 22.22 -5.00 -16.56
N LEU B 125 23.02 -3.95 -16.51
CA LEU B 125 23.79 -3.51 -17.67
C LEU B 125 25.25 -3.20 -17.46
N ASN B 126 25.79 -3.52 -16.30
CA ASN B 126 27.19 -3.25 -16.05
C ASN B 126 28.09 -4.03 -17.00
N PRO B 127 29.03 -3.33 -17.67
CA PRO B 127 29.88 -3.98 -18.70
C PRO B 127 30.46 -5.30 -18.22
N GLY B 128 30.05 -6.38 -18.88
CA GLY B 128 30.58 -7.72 -18.62
C GLY B 128 29.80 -8.51 -17.58
N ASP B 129 29.57 -7.88 -16.42
CA ASP B 129 29.08 -8.54 -15.22
C ASP B 129 27.54 -8.57 -15.06
N GLY B 130 26.88 -7.51 -15.54
CA GLY B 130 25.45 -7.34 -15.33
C GLY B 130 24.58 -8.41 -15.97
N ILE B 131 23.31 -8.46 -15.54
CA ILE B 131 22.35 -9.48 -16.00
C ILE B 131 22.31 -9.64 -17.51
N VAL B 132 22.13 -8.54 -18.23
CA VAL B 132 22.07 -8.61 -19.68
C VAL B 132 23.37 -9.15 -20.32
N PRO B 133 24.51 -8.49 -20.09
CA PRO B 133 25.71 -9.07 -20.69
C PRO B 133 25.96 -10.53 -20.27
N ALA B 134 25.68 -10.86 -19.02
CA ALA B 134 25.90 -12.24 -18.53
C ALA B 134 24.91 -13.19 -19.20
N THR B 135 23.65 -12.77 -19.33
CA THR B 135 22.65 -13.62 -19.94
C THR B 135 23.04 -14.01 -21.36
N ILE B 136 23.36 -13.02 -22.18
CA ILE B 136 23.78 -13.26 -23.55
C ILE B 136 25.00 -14.19 -23.59
N ASN B 137 26.05 -13.83 -22.86
CA ASN B 137 27.30 -14.61 -22.86
C ASN B 137 27.03 -16.05 -22.43
N HIS B 138 26.13 -16.20 -21.48
CA HIS B 138 25.75 -17.49 -20.94
C HIS B 138 25.06 -18.34 -21.95
N ILE B 139 24.04 -17.78 -22.60
CA ILE B 139 23.29 -18.44 -23.65
C ILE B 139 24.15 -18.94 -24.82
N PHE B 140 25.14 -18.16 -25.24
CA PHE B 140 26.02 -18.60 -26.29
C PHE B 140 26.83 -19.81 -25.85
N SER B 141 27.21 -19.85 -24.57
CA SER B 141 27.88 -21.04 -24.06
C SER B 141 26.95 -22.24 -24.25
N TRP B 142 25.67 -22.07 -23.96
CA TRP B 142 24.70 -23.15 -24.15
C TRP B 142 24.46 -23.48 -25.59
N ILE B 143 24.40 -22.46 -26.45
CA ILE B 143 24.35 -22.72 -27.89
C ILE B 143 25.53 -23.58 -28.39
N ASP B 144 26.75 -23.30 -27.96
CA ASP B 144 27.95 -24.06 -28.39
C ASP B 144 27.82 -25.54 -28.02
N LYS B 145 27.29 -25.82 -26.82
CA LYS B 145 27.16 -27.18 -26.32
C LYS B 145 26.06 -27.96 -27.08
N LEU B 146 24.90 -27.33 -27.28
CA LEU B 146 23.80 -27.96 -28.02
C LEU B 146 24.10 -28.18 -29.53
N ALA B 147 25.14 -27.54 -30.04
CA ALA B 147 25.56 -27.70 -31.44
C ALA B 147 25.93 -29.15 -31.72
N ALA B 148 26.42 -29.85 -30.70
CA ALA B 148 26.84 -31.24 -30.82
C ALA B 148 25.67 -32.23 -30.97
N ARG B 149 24.55 -31.94 -30.31
CA ARG B 149 23.39 -32.82 -30.33
C ARG B 149 22.38 -32.52 -31.48
N GLY B 150 22.82 -31.73 -32.48
CA GLY B 150 21.99 -31.40 -33.66
C GLY B 150 21.05 -30.19 -33.60
N TRP B 151 21.37 -29.22 -32.75
CA TRP B 151 20.55 -28.00 -32.60
C TRP B 151 21.19 -26.79 -33.24
N SER B 152 20.37 -25.98 -33.92
CA SER B 152 20.76 -24.64 -34.35
C SER B 152 19.78 -23.55 -33.89
N TYR B 153 20.34 -22.42 -33.47
CA TYR B 153 19.55 -21.31 -32.98
C TYR B 153 19.73 -20.03 -33.78
N LYS B 154 18.70 -19.20 -33.78
CA LYS B 154 18.82 -17.79 -34.16
C LYS B 154 18.56 -16.98 -32.89
N VAL B 155 19.46 -16.06 -32.57
CA VAL B 155 19.28 -15.19 -31.42
C VAL B 155 19.04 -13.77 -31.92
N SER B 156 17.88 -13.23 -31.61
CA SER B 156 17.65 -11.85 -31.95
C SER B 156 17.11 -11.07 -30.79
N CYS B 157 17.01 -9.77 -31.00
CA CYS B 157 16.95 -8.87 -29.91
C CYS B 157 16.36 -7.52 -30.29
N GLU B 158 15.54 -7.02 -29.36
CA GLU B 158 14.88 -5.74 -29.48
C GLU B 158 15.12 -4.96 -28.18
N PHE B 159 15.39 -3.67 -28.29
CA PHE B 159 15.60 -2.83 -27.12
C PHE B 159 14.65 -1.66 -27.22
N ILE B 160 13.67 -1.65 -26.33
CA ILE B 160 12.74 -0.54 -26.29
C ILE B 160 12.68 0.22 -24.96
N GLU B 161 12.16 1.43 -25.01
CA GLU B 161 11.86 2.22 -23.82
C GLU B 161 10.35 2.53 -23.77
N ILE B 162 9.77 2.50 -22.57
CA ILE B 162 8.46 3.10 -22.39
C ILE B 162 8.52 4.39 -21.55
N TYR B 163 8.20 5.51 -22.17
CA TYR B 163 8.11 6.79 -21.49
C TYR B 163 6.72 7.35 -21.72
N ASN B 164 6.02 7.68 -20.63
CA ASN B 164 4.66 8.21 -20.70
C ASN B 164 3.72 7.34 -21.51
N GLU B 165 3.83 6.03 -21.35
CA GLU B 165 2.95 5.07 -22.03
C GLU B 165 3.19 4.99 -23.56
N ASN B 166 4.31 5.52 -24.05
CA ASN B 166 4.71 5.36 -25.44
C ASN B 166 5.90 4.46 -25.58
N ILE B 167 5.92 3.68 -26.64
CA ILE B 167 7.05 2.85 -26.92
C ILE B 167 7.97 3.57 -27.90
N VAL B 168 9.26 3.60 -27.54
CA VAL B 168 10.33 4.20 -28.34
C VAL B 168 11.40 3.17 -28.64
N ASP B 169 11.80 3.08 -29.90
CA ASP B 169 12.80 2.12 -30.37
C ASP B 169 14.24 2.60 -30.10
N LEU B 170 14.92 1.97 -29.16
CA LEU B 170 16.30 2.35 -28.84
C LEU B 170 17.38 1.83 -29.83
N LEU B 171 16.97 1.09 -30.87
CA LEU B 171 17.93 0.66 -31.86
C LEU B 171 17.84 1.41 -33.19
N ARG B 172 16.76 2.15 -33.43
CA ARG B 172 16.51 2.83 -34.72
C ARG B 172 17.75 3.55 -35.25
N SER B 173 18.24 3.10 -36.41
CA SER B 173 19.35 3.76 -37.08
C SER B 173 18.94 5.14 -37.61
N SER B 187 6.89 5.16 -37.64
CA SER B 187 6.66 6.15 -36.58
C SER B 187 5.88 5.57 -35.37
N LYS B 188 4.80 4.83 -35.67
CA LYS B 188 3.90 4.29 -34.66
C LYS B 188 4.30 2.86 -34.28
N HIS B 189 4.33 2.58 -32.98
CA HIS B 189 4.61 1.23 -32.51
C HIS B 189 3.46 0.68 -31.72
N GLU B 190 2.74 -0.25 -32.30
CA GLU B 190 1.56 -0.79 -31.65
C GLU B 190 1.85 -2.18 -31.15
N ILE B 191 1.31 -2.50 -29.98
CA ILE B 191 1.30 -3.87 -29.47
C ILE B 191 0.19 -4.71 -30.14
N ARG B 192 0.57 -5.84 -30.74
CA ARG B 192 -0.43 -6.80 -31.23
C ARG B 192 -0.18 -8.15 -30.60
N HIS B 193 -1.25 -8.75 -30.07
CA HIS B 193 -1.21 -10.10 -29.51
C HIS B 193 -1.87 -11.06 -30.43
N ASP B 194 -1.26 -12.22 -30.59
CA ASP B 194 -1.85 -13.33 -31.31
C ASP B 194 -2.43 -14.33 -30.31
N GLN B 195 -3.74 -14.23 -30.09
CA GLN B 195 -4.43 -15.04 -29.11
C GLN B 195 -4.01 -16.51 -29.27
N GLU B 196 -4.24 -17.07 -30.46
CA GLU B 196 -3.97 -18.48 -30.72
C GLU B 196 -2.55 -18.89 -30.34
N LEU B 197 -1.56 -18.12 -30.77
CA LEU B 197 -0.19 -18.54 -30.59
C LEU B 197 0.43 -18.07 -29.29
N LYS B 198 -0.36 -17.39 -28.47
CA LYS B 198 0.12 -16.77 -27.23
C LYS B 198 1.47 -16.04 -27.41
N THR B 199 1.60 -15.23 -28.46
CA THR B 199 2.81 -14.41 -28.70
C THR B 199 2.47 -12.93 -29.01
N THR B 200 3.50 -12.09 -29.10
CA THR B 200 3.36 -10.64 -29.04
C THR B 200 4.31 -9.95 -30.04
N TYR B 201 3.81 -8.92 -30.71
CA TYR B 201 4.57 -8.23 -31.72
C TYR B 201 4.43 -6.75 -31.45
N ILE B 202 5.50 -6.01 -31.71
CA ILE B 202 5.44 -4.57 -31.69
C ILE B 202 5.64 -4.12 -33.12
N THR B 203 4.80 -3.24 -33.61
CA THR B 203 4.88 -2.87 -35.02
C THR B 203 6.06 -1.95 -35.25
N ASN B 204 6.70 -2.14 -36.41
CA ASN B 204 7.82 -1.32 -36.90
C ASN B 204 8.96 -1.16 -35.93
N ILE B 205 9.42 -2.29 -35.40
CA ILE B 205 10.46 -2.30 -34.42
C ILE B 205 11.79 -2.80 -35.04
N THR B 206 12.90 -2.16 -34.68
CA THR B 206 14.21 -2.65 -35.10
C THR B 206 14.50 -3.89 -34.30
N THR B 207 14.66 -4.99 -35.00
CA THR B 207 15.17 -6.19 -34.38
C THR B 207 16.64 -6.31 -34.75
N CYS B 208 17.43 -6.77 -33.79
CA CYS B 208 18.83 -7.00 -34.09
C CYS B 208 19.23 -8.47 -33.88
N VAL B 209 19.69 -9.09 -34.96
CA VAL B 209 20.15 -10.48 -34.94
C VAL B 209 21.56 -10.54 -34.37
N LEU B 210 21.70 -11.21 -33.23
CA LEU B 210 23.00 -11.32 -32.55
C LEU B 210 23.77 -12.54 -33.06
N ASP B 211 24.66 -12.31 -34.02
CA ASP B 211 25.35 -13.42 -34.70
C ASP B 211 26.83 -13.59 -34.31
N SER B 212 27.44 -12.49 -33.84
CA SER B 212 28.84 -12.51 -33.49
C SER B 212 29.08 -11.82 -32.16
N ARG B 213 30.32 -11.87 -31.69
CA ARG B 213 30.77 -11.14 -30.51
C ARG B 213 30.79 -9.63 -30.78
N ASP B 214 31.26 -9.23 -31.97
CA ASP B 214 31.26 -7.82 -32.40
C ASP B 214 29.86 -7.18 -32.27
N THR B 215 28.85 -7.85 -32.82
CA THR B 215 27.48 -7.39 -32.78
C THR B 215 27.00 -7.21 -31.34
N VAL B 216 27.32 -8.19 -30.50
CA VAL B 216 26.89 -8.18 -29.11
C VAL B 216 27.52 -7.00 -28.39
N ASP B 217 28.84 -6.89 -28.51
CA ASP B 217 29.58 -5.77 -27.95
C ASP B 217 29.00 -4.41 -28.37
N LYS B 218 28.59 -4.27 -29.63
CA LYS B 218 28.06 -2.99 -30.11
C LYS B 218 26.72 -2.65 -29.45
N VAL B 219 25.79 -3.60 -29.46
CA VAL B 219 24.47 -3.41 -28.86
C VAL B 219 24.58 -3.02 -27.38
N LEU B 220 25.43 -3.71 -26.65
CA LEU B 220 25.63 -3.44 -25.23
C LEU B 220 26.30 -2.10 -24.92
N LYS B 221 27.25 -1.70 -25.77
CA LYS B 221 27.88 -0.40 -25.59
C LYS B 221 26.83 0.68 -25.82
N ARG B 222 25.91 0.41 -26.73
CA ARG B 222 24.80 1.33 -27.00
C ARG B 222 23.85 1.51 -25.83
N ALA B 223 23.36 0.39 -25.31
CA ALA B 223 22.54 0.34 -24.10
C ALA B 223 23.17 1.11 -22.94
N ASN B 224 24.43 0.82 -22.68
CA ASN B 224 25.20 1.56 -21.69
C ASN B 224 25.13 3.05 -21.92
N LYS B 225 25.51 3.47 -23.12
CA LYS B 225 25.57 4.89 -23.44
C LYS B 225 24.21 5.50 -23.14
N LEU B 226 23.16 4.81 -23.55
CA LEU B 226 21.79 5.27 -23.35
C LEU B 226 21.29 5.30 -21.88
N ARG B 227 21.58 4.27 -21.10
CA ARG B 227 20.89 4.10 -19.82
C ARG B 227 21.64 4.63 -18.60
N SER B 228 22.75 5.32 -18.83
CA SER B 228 23.53 5.95 -17.74
C SER B 228 23.90 7.40 -18.06
N ALA B 234 18.68 13.64 -19.55
CA ALA B 234 18.85 12.32 -20.16
C ALA B 234 19.09 11.24 -19.11
N ASN B 235 19.93 11.54 -18.11
CA ASN B 235 19.96 10.74 -16.88
C ASN B 235 18.60 10.87 -16.17
N GLU B 236 18.08 12.10 -16.13
CA GLU B 236 16.69 12.35 -15.70
C GLU B 236 15.71 11.47 -16.50
N HIS B 237 15.82 11.48 -17.82
CA HIS B 237 14.88 10.73 -18.68
C HIS B 237 14.88 9.23 -18.44
N SER B 238 16.05 8.61 -18.46
CA SER B 238 16.13 7.18 -18.24
C SER B 238 15.74 6.76 -16.80
N SER B 239 15.81 7.67 -15.85
CA SER B 239 15.32 7.35 -14.52
C SER B 239 13.78 7.48 -14.47
N ARG B 240 13.20 8.02 -15.51
CA ARG B 240 11.77 8.23 -15.51
C ARG B 240 11.07 7.36 -16.54
N SER B 241 11.75 6.31 -17.02
CA SER B 241 11.16 5.42 -18.01
C SER B 241 11.61 3.98 -17.86
N HIS B 242 10.78 3.07 -18.36
CA HIS B 242 11.13 1.63 -18.38
C HIS B 242 11.93 1.32 -19.61
N SER B 243 12.95 0.50 -19.44
CA SER B 243 13.63 -0.03 -20.59
C SER B 243 13.46 -1.54 -20.59
N ILE B 244 13.11 -2.07 -21.76
CA ILE B 244 12.92 -3.51 -21.93
C ILE B 244 13.92 -4.03 -22.96
N PHE B 245 14.72 -5.00 -22.55
CA PHE B 245 15.65 -5.66 -23.45
C PHE B 245 15.04 -7.03 -23.69
N ILE B 246 14.68 -7.30 -24.95
CA ILE B 246 13.90 -8.48 -25.33
C ILE B 246 14.73 -9.36 -26.25
N ILE B 247 14.91 -10.62 -25.85
CA ILE B 247 15.70 -11.58 -26.62
C ILE B 247 14.85 -12.74 -27.08
N HIS B 248 14.84 -13.00 -28.38
CA HIS B 248 14.19 -14.18 -28.91
C HIS B 248 15.18 -15.24 -29.23
N LEU B 249 14.84 -16.47 -28.91
CA LEU B 249 15.62 -17.62 -29.31
C LEU B 249 14.71 -18.55 -30.08
N GLU B 250 15.01 -18.71 -31.37
CA GLU B 250 14.39 -19.73 -32.19
C GLU B 250 15.38 -20.89 -32.34
N GLY B 251 14.87 -22.11 -32.25
CA GLY B 251 15.71 -23.29 -32.25
C GLY B 251 15.14 -24.36 -33.16
N LYS B 252 15.94 -24.73 -34.15
CA LYS B 252 15.60 -25.78 -35.11
C LYS B 252 16.56 -26.95 -34.88
N ASN B 253 15.99 -28.11 -34.61
CA ASN B 253 16.80 -29.29 -34.36
C ASN B 253 16.78 -30.22 -35.55
N GLU B 254 17.26 -29.73 -36.69
CA GLU B 254 17.37 -30.53 -37.91
C GLU B 254 18.18 -31.76 -37.57
N GLY B 255 17.61 -32.92 -37.89
CA GLY B 255 18.09 -34.18 -37.35
C GLY B 255 17.03 -34.74 -36.41
N THR B 256 16.53 -33.91 -35.51
CA THR B 256 15.49 -34.30 -34.55
C THR B 256 14.08 -34.01 -35.06
N GLY B 257 13.89 -32.83 -35.66
CA GLY B 257 12.56 -32.34 -36.05
C GLY B 257 12.00 -31.32 -35.07
N GLU B 258 12.25 -31.52 -33.79
CA GLU B 258 11.67 -30.67 -32.73
C GLU B 258 12.02 -29.18 -32.89
N LYS B 259 11.06 -28.31 -32.60
CA LYS B 259 11.29 -26.87 -32.65
C LYS B 259 11.38 -26.30 -31.23
N SER B 260 11.75 -25.03 -31.11
CA SER B 260 11.95 -24.37 -29.83
C SER B 260 11.87 -22.85 -29.97
N GLN B 261 11.09 -22.20 -29.11
CA GLN B 261 10.93 -20.73 -29.09
C GLN B 261 10.89 -20.26 -27.64
N GLY B 262 11.79 -19.33 -27.29
CA GLY B 262 11.82 -18.80 -25.93
C GLY B 262 12.03 -17.31 -25.93
N ILE B 263 11.41 -16.59 -25.01
CA ILE B 263 11.71 -15.18 -24.87
C ILE B 263 12.38 -14.90 -23.55
N LEU B 264 13.30 -13.94 -23.55
CA LEU B 264 13.77 -13.35 -22.32
C LEU B 264 13.46 -11.86 -22.33
N ASN B 265 12.80 -11.38 -21.29
CA ASN B 265 12.52 -9.96 -21.12
C ASN B 265 13.29 -9.42 -19.93
N LEU B 266 14.20 -8.50 -20.18
CA LEU B 266 15.00 -7.95 -19.08
C LEU B 266 14.57 -6.50 -18.88
N VAL B 267 13.92 -6.23 -17.75
CA VAL B 267 13.25 -4.96 -17.53
C VAL B 267 13.90 -4.12 -16.43
N ASP B 268 14.17 -2.86 -16.77
CA ASP B 268 14.80 -1.89 -15.91
C ASP B 268 13.75 -0.81 -15.69
N LEU B 269 13.02 -0.90 -14.59
CA LEU B 269 11.88 -0.02 -14.33
C LEU B 269 12.24 1.44 -14.04
N ALA B 270 11.31 2.37 -14.30
CA ALA B 270 11.46 3.75 -13.82
C ALA B 270 11.68 3.78 -12.30
N GLY B 271 12.45 4.75 -11.81
CA GLY B 271 12.63 4.91 -10.35
C GLY B 271 11.29 5.01 -9.61
N SER B 272 11.21 4.44 -8.41
CA SER B 272 9.95 4.39 -7.65
C SER B 272 9.75 5.48 -6.61
N GLU B 273 10.71 6.39 -6.46
CA GLU B 273 10.63 7.46 -5.46
C GLU B 273 9.47 8.42 -5.69
N ARG B 274 8.97 8.97 -4.59
CA ARG B 274 7.86 9.92 -4.60
C ARG B 274 8.16 11.23 -5.37
N LEU B 285 5.17 16.72 -13.53
CA LEU B 285 3.75 16.71 -13.25
C LEU B 285 3.15 15.36 -13.64
N ARG B 286 2.13 15.37 -14.49
CA ARG B 286 1.40 14.16 -14.95
C ARG B 286 2.26 13.02 -15.54
N GLU B 287 3.57 13.26 -15.65
CA GLU B 287 4.55 12.23 -15.96
C GLU B 287 4.73 11.28 -14.76
N THR B 288 4.82 11.84 -13.55
CA THR B 288 4.91 11.00 -12.33
C THR B 288 3.59 10.28 -12.05
N GLN B 289 2.49 10.82 -12.56
CA GLN B 289 1.19 10.14 -12.49
C GLN B 289 1.24 8.80 -13.21
N SER B 290 1.84 8.76 -14.40
CA SER B 290 1.88 7.53 -15.20
C SER B 290 2.91 6.49 -14.74
N ILE B 291 4.05 6.94 -14.20
CA ILE B 291 5.00 6.04 -13.55
C ILE B 291 4.33 5.33 -12.38
N ASN B 292 3.67 6.11 -11.53
CA ASN B 292 2.87 5.61 -10.41
C ASN B 292 1.83 4.58 -10.82
N LYS B 293 0.97 4.95 -11.77
CA LYS B 293 0.00 4.02 -12.32
C LYS B 293 0.70 2.76 -12.82
N SER B 294 1.77 2.95 -13.59
CA SER B 294 2.49 1.87 -14.24
C SER B 294 3.08 0.88 -13.23
N LEU B 295 3.75 1.42 -12.24
CA LEU B 295 4.33 0.63 -11.20
C LEU B 295 3.27 -0.02 -10.29
N SER B 296 2.27 0.73 -9.86
CA SER B 296 1.27 0.10 -9.01
C SER B 296 0.43 -0.93 -9.81
N CYS B 297 0.30 -0.73 -11.12
CA CYS B 297 -0.31 -1.77 -11.95
C CYS B 297 0.51 -3.05 -12.02
N LEU B 298 1.82 -2.94 -12.24
CA LEU B 298 2.68 -4.10 -12.32
C LEU B 298 2.66 -4.87 -11.01
N GLY B 299 2.73 -4.12 -9.92
CA GLY B 299 2.60 -4.67 -8.58
C GLY B 299 1.30 -5.41 -8.38
N ASP B 300 0.19 -4.80 -8.77
CA ASP B 300 -1.13 -5.47 -8.64
C ASP B 300 -1.21 -6.72 -9.55
N VAL B 301 -0.65 -6.66 -10.75
CA VAL B 301 -0.61 -7.82 -11.66
C VAL B 301 0.15 -9.01 -11.06
N ILE B 302 1.41 -8.78 -10.65
CA ILE B 302 2.25 -9.84 -10.09
C ILE B 302 1.71 -10.36 -8.77
N HIS B 303 1.32 -9.47 -7.86
CA HIS B 303 0.59 -9.92 -6.67
C HIS B 303 -0.54 -10.86 -6.99
N ALA B 304 -1.31 -10.55 -8.03
CA ALA B 304 -2.47 -11.37 -8.41
C ALA B 304 -2.06 -12.74 -8.96
N LEU B 305 -0.91 -12.79 -9.62
CA LEU B 305 -0.37 -14.04 -10.13
C LEU B 305 0.03 -15.06 -9.04
N ASN B 306 0.17 -14.61 -7.78
CA ASN B 306 0.17 -15.51 -6.60
C ASN B 306 -1.16 -15.43 -5.86
N HIS B 314 -8.84 -12.55 -11.37
CA HIS B 314 -8.70 -11.75 -12.60
C HIS B 314 -7.45 -10.90 -12.65
N ILE B 315 -6.71 -11.02 -13.74
CA ILE B 315 -5.48 -10.25 -13.92
C ILE B 315 -5.72 -9.08 -14.87
N PRO B 316 -5.52 -7.85 -14.39
CA PRO B 316 -5.80 -6.69 -15.23
C PRO B 316 -4.59 -6.26 -16.07
N PHE B 317 -4.17 -7.12 -17.00
CA PHE B 317 -3.01 -6.83 -17.85
C PHE B 317 -3.13 -5.54 -18.62
N ARG B 318 -4.33 -5.31 -19.15
CA ARG B 318 -4.60 -4.19 -20.04
C ARG B 318 -4.59 -2.83 -19.35
N ASN B 319 -4.75 -2.79 -18.04
CA ASN B 319 -4.67 -1.53 -17.28
C ASN B 319 -3.35 -0.71 -17.46
N SER B 320 -2.30 -1.31 -18.01
CA SER B 320 -1.07 -0.55 -18.28
C SER B 320 -0.21 -1.13 -19.42
N LYS B 321 0.49 -0.25 -20.11
CA LYS B 321 1.18 -0.67 -21.31
C LYS B 321 2.27 -1.69 -21.02
N LEU B 322 3.01 -1.48 -19.93
CA LEU B 322 4.06 -2.42 -19.53
C LEU B 322 3.54 -3.84 -19.28
N THR B 323 2.52 -3.97 -18.45
CA THR B 323 1.96 -5.30 -18.15
C THR B 323 1.22 -5.89 -19.36
N TYR B 324 0.65 -5.03 -20.19
CA TYR B 324 -0.05 -5.45 -21.38
C TYR B 324 0.91 -6.01 -22.41
N LEU B 325 2.09 -5.40 -22.49
CA LEU B 325 3.08 -5.82 -23.46
C LEU B 325 3.68 -7.15 -23.05
N LEU B 326 3.87 -7.32 -21.75
CA LEU B 326 4.57 -8.47 -21.19
C LEU B 326 3.68 -9.65 -20.87
N GLN B 327 2.37 -9.49 -21.02
CA GLN B 327 1.44 -10.46 -20.49
C GLN B 327 1.74 -11.95 -20.80
N TYR B 328 2.03 -12.28 -22.05
CA TYR B 328 2.26 -13.68 -22.42
C TYR B 328 3.57 -14.24 -21.86
N SER B 329 4.37 -13.36 -21.25
CA SER B 329 5.55 -13.77 -20.52
C SER B 329 5.34 -13.69 -19.01
N LEU B 330 4.08 -13.55 -18.59
CA LEU B 330 3.70 -13.59 -17.17
C LEU B 330 2.67 -14.69 -16.86
N ILE B 331 1.89 -15.09 -17.86
CA ILE B 331 0.85 -16.13 -17.71
C ILE B 331 1.47 -17.51 -17.93
N GLY B 332 0.71 -18.56 -17.64
CA GLY B 332 1.09 -19.93 -18.00
C GLY B 332 2.33 -20.43 -17.27
N SER B 333 3.28 -20.96 -18.03
CA SER B 333 4.47 -21.58 -17.45
C SER B 333 5.63 -20.60 -17.20
N SER B 334 5.40 -19.33 -17.53
CA SER B 334 6.45 -18.32 -17.49
C SER B 334 7.14 -18.19 -16.13
N LYS B 335 8.42 -17.82 -16.18
CA LYS B 335 9.19 -17.65 -14.97
C LYS B 335 9.55 -16.19 -14.76
N THR B 336 9.24 -15.67 -13.57
CA THR B 336 9.47 -14.26 -13.31
C THR B 336 10.39 -14.04 -12.11
N LEU B 337 11.32 -13.11 -12.26
CA LEU B 337 12.26 -12.73 -11.22
C LEU B 337 12.22 -11.22 -11.05
N MET B 338 11.99 -10.81 -9.81
CA MET B 338 11.93 -9.42 -9.42
C MET B 338 13.12 -9.07 -8.52
N PHE B 339 13.98 -8.18 -8.97
CA PHE B 339 15.07 -7.63 -8.16
C PHE B 339 14.64 -6.35 -7.48
N VAL B 340 14.67 -6.32 -6.15
CA VAL B 340 14.46 -5.06 -5.46
C VAL B 340 15.80 -4.52 -4.98
N ASN B 341 16.23 -3.43 -5.61
CA ASN B 341 17.51 -2.81 -5.35
C ASN B 341 17.30 -1.76 -4.26
N ILE B 342 18.15 -1.75 -3.24
CA ILE B 342 18.01 -0.69 -2.24
C ILE B 342 19.33 -0.02 -1.93
N SER B 343 19.24 1.28 -1.65
CA SER B 343 20.35 2.07 -1.19
C SER B 343 20.49 1.85 0.31
N PRO B 344 21.73 1.68 0.80
CA PRO B 344 21.91 1.42 2.23
C PRO B 344 21.92 2.68 3.09
N ALA B 345 21.85 3.85 2.49
CA ALA B 345 22.03 5.12 3.21
C ALA B 345 20.84 5.50 4.09
N ALA B 346 21.13 5.98 5.30
CA ALA B 346 20.12 6.47 6.24
C ALA B 346 19.26 7.57 5.59
N LEU B 347 19.92 8.48 4.89
CA LEU B 347 19.28 9.48 4.04
C LEU B 347 18.08 8.96 3.21
N HIS B 348 18.12 7.68 2.81
CA HIS B 348 17.08 7.10 1.93
C HIS B 348 16.14 6.14 2.59
N LEU B 349 16.17 6.11 3.92
CA LEU B 349 15.37 5.16 4.68
C LEU B 349 13.90 5.09 4.24
N ASN B 350 13.24 6.23 4.09
CA ASN B 350 11.83 6.23 3.68
C ASN B 350 11.58 5.45 2.38
N GLU B 351 12.41 5.71 1.36
CA GLU B 351 12.27 5.05 0.07
C GLU B 351 12.65 3.58 0.11
N THR B 352 13.64 3.25 0.92
CA THR B 352 14.05 1.88 1.10
C THR B 352 12.91 1.06 1.70
N ILE B 353 12.23 1.64 2.68
CA ILE B 353 11.01 1.05 3.25
C ILE B 353 9.94 0.85 2.17
N ASN B 354 9.63 1.90 1.45
CA ASN B 354 8.65 1.85 0.39
C ASN B 354 8.92 0.69 -0.56
N SER B 355 10.13 0.60 -1.08
CA SER B 355 10.54 -0.48 -1.97
C SER B 355 10.32 -1.83 -1.33
N LEU B 356 10.80 -1.98 -0.11
CA LEU B 356 10.63 -3.24 0.62
C LEU B 356 9.16 -3.57 0.82
N ARG B 357 8.31 -2.56 0.98
CA ARG B 357 6.87 -2.80 1.08
C ARG B 357 6.30 -3.31 -0.26
N PHE B 358 6.81 -2.79 -1.38
CA PHE B 358 6.40 -3.22 -2.71
C PHE B 358 6.74 -4.69 -2.90
N ALA B 359 8.03 -5.00 -2.86
CA ALA B 359 8.51 -6.38 -2.83
C ALA B 359 7.74 -7.29 -1.89
N SER B 360 7.22 -6.74 -0.79
CA SER B 360 6.43 -7.53 0.15
C SER B 360 5.07 -7.95 -0.40
N LYS B 361 4.28 -7.01 -0.91
CA LYS B 361 2.95 -7.31 -1.48
C LYS B 361 3.10 -8.25 -2.67
N VAL B 362 4.19 -8.07 -3.41
CA VAL B 362 4.48 -8.86 -4.61
C VAL B 362 4.78 -10.33 -4.29
N ASN B 363 5.63 -10.59 -3.29
CA ASN B 363 5.92 -11.95 -2.88
C ASN B 363 4.97 -12.47 -1.79
N ASN B 364 4.02 -11.63 -1.40
CA ASN B 364 2.98 -11.96 -0.41
C ASN B 364 3.42 -12.14 1.05
N THR B 365 4.54 -11.53 1.43
CA THR B 365 5.10 -11.67 2.79
C THR B 365 4.46 -10.78 3.87
N LYS B 366 3.77 -9.71 3.45
CA LYS B 366 3.11 -8.76 4.39
C LYS B 366 1.79 -8.17 3.83
N MET B 367 0.90 -7.69 4.71
CA MET B 367 -0.32 -6.95 4.29
C MET B 367 -0.01 -5.45 4.11
N ILE B 368 -0.14 -4.94 2.88
CA ILE B 368 0.42 -3.63 2.48
C ILE B 368 -0.59 -2.52 2.14
N THR B 369 -0.35 -1.34 2.73
CA THR B 369 -1.14 -0.12 2.49
C THR B 369 -0.29 0.95 1.81
MG MG C . -12.40 18.05 8.71
PB ADP D . -13.67 16.74 6.01
O1B ADP D . -13.83 15.27 5.68
O2B ADP D . -13.80 17.09 7.46
O3B ADP D . -12.49 17.31 5.29
PA ADP D . -16.16 18.25 6.02
O1A ADP D . -16.98 17.53 7.04
O2A ADP D . -15.60 19.61 6.35
O3A ADP D . -14.99 17.36 5.31
O5' ADP D . -17.20 18.30 4.79
C5' ADP D . -16.85 18.89 3.53
C4' ADP D . -18.03 19.73 3.02
O4' ADP D . -19.13 18.93 2.54
C3' ADP D . -18.60 20.60 4.11
O3' ADP D . -18.90 21.84 3.50
C2' ADP D . -19.87 19.88 4.57
O2' ADP D . -20.91 20.74 5.01
C1' ADP D . -20.31 19.11 3.35
N9 ADP D . -20.81 17.77 3.70
C8 ADP D . -20.05 16.72 4.03
N7 ADP D . -20.79 15.62 4.29
C5 ADP D . -22.07 15.95 4.12
C6 ADP D . -23.37 15.25 4.23
N6 ADP D . -23.42 13.95 4.58
N1 ADP D . -24.48 15.97 3.97
C2 ADP D . -24.44 17.27 3.63
N3 ADP D . -23.29 17.97 3.50
C4 ADP D . -22.09 17.38 3.73
C1 EDO E . 0.44 12.30 14.63
O1 EDO E . -0.28 13.31 13.92
C2 EDO E . -0.45 11.69 15.69
O2 EDO E . -0.03 10.36 16.04
MG MG F . 19.16 3.72 -13.87
PB ADP G . 19.63 3.18 -10.89
O1B ADP G . 18.85 2.52 -9.79
O2B ADP G . 19.74 2.34 -12.13
O3B ADP G . 19.31 4.63 -11.14
PA ADP G . 22.49 3.02 -10.99
O1A ADP G . 22.62 1.56 -11.36
O2A ADP G . 22.64 4.08 -12.04
O3A ADP G . 21.10 3.23 -10.21
O5' ADP G . 23.53 3.28 -9.81
C5' ADP G . 23.90 4.60 -9.41
C4' ADP G . 25.39 4.58 -9.07
O4' ADP G . 25.65 3.56 -8.10
C3' ADP G . 26.19 4.18 -10.29
O3' ADP G . 27.30 5.06 -10.44
C2' ADP G . 26.67 2.78 -10.05
O2' ADP G . 27.96 2.57 -10.59
C1' ADP G . 26.68 2.67 -8.54
N9 ADP G . 26.30 1.30 -8.15
C8 ADP G . 25.06 0.78 -8.18
N7 ADP G . 25.07 -0.51 -7.76
C5 ADP G . 26.32 -0.81 -7.44
C6 ADP G . 27.03 -2.00 -6.93
N6 ADP G . 26.37 -3.16 -6.64
N1 ADP G . 28.37 -1.91 -6.77
C2 ADP G . 29.05 -0.78 -7.04
N3 ADP G . 28.47 0.33 -7.50
C4 ADP G . 27.13 0.37 -7.73
C1 EDO H . 5.77 5.37 -17.50
O1 EDO H . 5.17 4.50 -18.46
C2 EDO H . 7.21 5.71 -17.89
O2 EDO H . 7.38 7.13 -18.05
#